data_7S1F
#
_entry.id   7S1F
#
_cell.length_a   116.131
_cell.length_b   63.985
_cell.length_c   74.333
_cell.angle_alpha   90.000
_cell.angle_beta   126.100
_cell.angle_gamma   90.000
#
_symmetry.space_group_name_H-M   'C 1 2 1'
#
loop_
_entity.id
_entity.type
_entity.pdbx_description
1 polymer 'Thiol:disulfide interchange protein DsbA'
2 non-polymer 1-[(3-thiophen-3-ylphenyl)methyl]-3~{H}-pyrrol-2-one
3 non-polymer 'COPPER (II) ION'
4 non-polymer GLYCEROL
5 water water
#
_entity_poly.entity_id   1
_entity_poly.type   'polypeptide(L)'
_entity_poly.pdbx_seq_one_letter_code
;AQYEDGKQYTTLEKPVAGAPQVLEFFSFFCPHCYQFEEVLHISDNVKKKLPEGVKMTKYHVNFMGGDLGKDLTQAWAVAM
ALGVEDKVTVPLFEGVQKTQTIRSASDIRDVFINAGIKGEEYDAAWNSFVVKSLVAQQEKAAADVQLRGVPAMFVNGKYQ
LNPQGMDTSNMDVFVQQYADTVKYLSEKK
;
_entity_poly.pdbx_strand_id   A,B
#
loop_
_chem_comp.id
_chem_comp.type
_chem_comp.name
_chem_comp.formula
5VB non-polymer 1-[(3-thiophen-3-ylphenyl)methyl]-3~{H}-pyrrol-2-one 'C15 H13 N O S'
CU non-polymer 'COPPER (II) ION' 'Cu 2'
GOL non-polymer GLYCEROL 'C3 H8 O3'
#
# COMPACT_ATOMS: atom_id res chain seq x y z
N ALA A 1 27.15 -10.12 17.40
CA ALA A 1 27.71 -10.04 16.05
C ALA A 1 26.93 -9.02 15.20
N GLN A 2 27.37 -8.78 13.96
CA GLN A 2 26.68 -7.82 13.11
C GLN A 2 25.33 -8.35 12.64
N TYR A 3 25.32 -9.62 12.23
CA TYR A 3 24.06 -10.29 11.93
C TYR A 3 23.77 -11.20 13.11
N GLU A 4 22.57 -11.09 13.67
CA GLU A 4 22.20 -11.84 14.87
C GLU A 4 20.84 -12.46 14.70
N ASP A 5 20.77 -13.77 14.96
CA ASP A 5 19.51 -14.50 15.06
C ASP A 5 18.58 -13.78 16.02
N GLY A 6 17.37 -13.48 15.55
CA GLY A 6 16.40 -12.73 16.32
C GLY A 6 16.44 -11.26 15.99
N LYS A 7 17.47 -10.83 15.28
CA LYS A 7 17.54 -9.43 14.88
C LYS A 7 17.15 -9.26 13.41
N GLN A 8 18.10 -9.47 12.49
CA GLN A 8 17.77 -9.27 11.06
C GLN A 8 17.06 -10.47 10.47
N TYR A 9 17.09 -11.57 11.19
CA TYR A 9 16.50 -12.81 10.71
C TYR A 9 16.14 -13.68 11.90
N THR A 10 15.31 -14.69 11.68
CA THR A 10 15.06 -15.68 12.71
C THR A 10 15.35 -17.04 12.14
N THR A 11 15.43 -18.04 13.00
CA THR A 11 15.82 -19.37 12.58
C THR A 11 14.64 -20.29 12.81
N LEU A 12 14.21 -21.00 11.75
CA LEU A 12 13.10 -21.95 11.87
C LEU A 12 13.46 -23.10 12.80
N GLU A 13 12.58 -23.40 13.75
CA GLU A 13 12.87 -24.50 14.66
C GLU A 13 12.53 -25.83 14.00
N LYS A 14 11.79 -25.77 12.90
CA LYS A 14 11.57 -26.97 12.09
C LYS A 14 12.04 -26.72 10.66
N PRO A 15 13.34 -26.92 10.40
CA PRO A 15 13.98 -26.68 9.09
C PRO A 15 13.31 -27.46 7.97
N VAL A 16 13.18 -26.84 6.79
CA VAL A 16 12.53 -27.51 5.68
C VAL A 16 13.53 -28.11 4.68
N ALA A 17 13.59 -29.44 4.61
CA ALA A 17 14.51 -30.08 3.68
C ALA A 17 14.10 -29.81 2.23
N GLY A 18 15.09 -29.52 1.38
CA GLY A 18 14.87 -29.41 -0.04
C GLY A 18 14.11 -28.17 -0.47
N ALA A 19 14.12 -27.16 0.39
CA ALA A 19 13.38 -25.92 0.12
C ALA A 19 14.12 -25.10 -0.93
N PRO A 20 13.41 -24.21 -1.63
CA PRO A 20 14.10 -23.30 -2.57
C PRO A 20 15.16 -22.49 -1.84
N GLN A 21 16.20 -22.07 -2.56
CA GLN A 21 17.35 -21.43 -1.92
C GLN A 21 16.91 -20.11 -1.31
N VAL A 22 16.20 -19.34 -2.11
CA VAL A 22 15.62 -18.10 -1.64
C VAL A 22 14.18 -18.06 -2.07
N LEU A 23 13.31 -17.99 -1.07
CA LEU A 23 11.87 -18.18 -1.31
C LEU A 23 11.11 -17.00 -0.74
N GLU A 24 10.44 -16.26 -1.62
CA GLU A 24 9.63 -15.10 -1.23
C GLU A 24 8.14 -15.44 -1.36
N PHE A 25 7.33 -14.99 -0.39
CA PHE A 25 5.88 -15.15 -0.46
C PHE A 25 5.23 -13.78 -0.44
N PHE A 26 4.13 -13.65 -1.16
CA PHE A 26 3.41 -12.38 -1.15
C PHE A 26 1.95 -12.64 -1.46
N SER A 27 1.15 -11.59 -1.33
CA SER A 27 -0.21 -11.61 -1.86
C SER A 27 -0.45 -10.32 -2.60
N PHE A 28 -1.18 -10.35 -3.71
CA PHE A 28 -1.52 -9.08 -4.34
C PHE A 28 -2.53 -8.27 -3.49
N PHE A 29 -3.09 -8.90 -2.46
CA PHE A 29 -3.93 -8.19 -1.49
C PHE A 29 -3.17 -7.52 -0.34
N CYS A 30 -1.88 -7.80 -0.26
CA CYS A 30 -1.09 -7.50 0.93
C CYS A 30 -0.52 -6.08 0.80
N PRO A 31 -0.96 -5.13 1.67
CA PRO A 31 -0.46 -3.76 1.50
C PRO A 31 1.05 -3.65 1.66
N HIS A 32 1.64 -4.29 2.67
CA HIS A 32 3.10 -4.21 2.76
C HIS A 32 3.80 -4.83 1.55
N CYS A 33 3.15 -5.83 0.91
CA CYS A 33 3.72 -6.47 -0.26
C CYS A 33 3.71 -5.53 -1.44
N TYR A 34 2.68 -4.68 -1.53
CA TYR A 34 2.63 -3.65 -2.55
C TYR A 34 3.85 -2.72 -2.37
N GLN A 35 4.09 -2.35 -1.12
CA GLN A 35 5.24 -1.44 -0.81
C GLN A 35 6.54 -2.17 -1.19
N PHE A 36 6.67 -3.43 -0.78
CA PHE A 36 7.89 -4.19 -1.02
C PHE A 36 8.20 -4.25 -2.49
N GLU A 37 7.17 -4.45 -3.30
CA GLU A 37 7.44 -4.72 -4.70
C GLU A 37 7.39 -3.47 -5.54
N GLU A 38 6.41 -2.60 -5.29
CA GLU A 38 6.21 -1.48 -6.18
C GLU A 38 7.03 -0.27 -5.81
N VAL A 39 7.38 -0.14 -4.53
CA VAL A 39 8.05 1.04 -4.04
C VAL A 39 9.51 0.78 -3.60
N LEU A 40 9.70 -0.30 -2.83
CA LEU A 40 11.04 -0.72 -2.35
C LEU A 40 11.82 -1.60 -3.36
N HIS A 41 11.09 -2.36 -4.18
CA HIS A 41 11.69 -3.26 -5.15
C HIS A 41 12.58 -4.29 -4.48
N ILE A 42 12.06 -4.84 -3.40
CA ILE A 42 12.81 -5.85 -2.62
C ILE A 42 13.26 -7.06 -3.44
N SER A 43 12.36 -7.70 -4.18
CA SER A 43 12.76 -8.90 -4.92
C SER A 43 13.91 -8.58 -5.87
N ASP A 44 13.78 -7.51 -6.63
CA ASP A 44 14.81 -7.17 -7.60
C ASP A 44 16.17 -6.88 -6.92
N ASN A 45 16.15 -6.14 -5.82
CA ASN A 45 17.42 -5.82 -5.19
C ASN A 45 18.03 -7.00 -4.45
N VAL A 46 17.19 -7.91 -3.92
CA VAL A 46 17.71 -9.14 -3.37
C VAL A 46 18.36 -9.97 -4.49
N LYS A 47 17.64 -10.16 -5.61
CA LYS A 47 18.18 -10.95 -6.74
C LYS A 47 19.49 -10.40 -7.22
N LYS A 48 19.59 -9.08 -7.29
CA LYS A 48 20.77 -8.45 -7.85
C LYS A 48 22.01 -8.61 -6.98
N LYS A 49 21.82 -9.07 -5.75
CA LYS A 49 22.96 -9.33 -4.87
C LYS A 49 23.21 -10.81 -4.54
N LEU A 50 22.36 -11.71 -5.05
CA LEU A 50 22.51 -13.13 -4.73
C LEU A 50 23.81 -13.68 -5.33
N PRO A 51 24.51 -14.54 -4.55
CA PRO A 51 25.69 -15.24 -5.07
C PRO A 51 25.35 -15.97 -6.36
N GLU A 52 26.40 -16.25 -7.13
CA GLU A 52 26.32 -17.10 -8.30
C GLU A 52 25.68 -18.44 -7.98
N GLY A 53 24.77 -18.88 -8.85
CA GLY A 53 24.15 -20.19 -8.69
C GLY A 53 23.08 -20.24 -7.61
N VAL A 54 22.70 -19.07 -7.10
CA VAL A 54 21.60 -19.00 -6.14
C VAL A 54 20.40 -18.39 -6.84
N LYS A 55 19.33 -19.18 -6.96
CA LYS A 55 18.15 -18.76 -7.67
C LYS A 55 17.06 -18.30 -6.70
N MET A 56 16.19 -17.45 -7.20
CA MET A 56 15.15 -16.88 -6.37
C MET A 56 13.77 -17.38 -6.81
N THR A 57 12.93 -17.74 -5.86
CA THR A 57 11.61 -18.24 -6.17
C THR A 57 10.59 -17.33 -5.48
N LYS A 58 9.53 -16.97 -6.18
CA LYS A 58 8.51 -16.10 -5.57
C LYS A 58 7.14 -16.71 -5.76
N TYR A 59 6.42 -16.90 -4.65
CA TYR A 59 5.11 -17.57 -4.69
C TYR A 59 4.02 -16.73 -4.05
N HIS A 60 2.82 -16.84 -4.60
CA HIS A 60 1.63 -16.16 -4.09
C HIS A 60 0.97 -17.06 -3.03
N VAL A 61 0.13 -16.46 -2.17
CA VAL A 61 -0.51 -17.21 -1.08
C VAL A 61 -2.02 -17.05 -1.10
N ASN A 62 -2.72 -18.00 -0.49
CA ASN A 62 -4.16 -18.00 -0.53
C ASN A 62 -4.82 -17.29 0.64
N PHE A 63 -4.09 -17.05 1.74
CA PHE A 63 -4.82 -16.75 2.98
C PHE A 63 -5.33 -15.29 3.07
N MET A 64 -5.15 -14.49 2.02
CA MET A 64 -5.77 -13.15 1.96
C MET A 64 -6.69 -13.07 0.78
N GLY A 65 -7.85 -12.46 1.00
CA GLY A 65 -8.71 -12.15 -0.14
C GLY A 65 -9.65 -13.23 -0.55
N GLY A 66 -9.81 -14.26 0.27
CA GLY A 66 -10.85 -15.23 -0.02
C GLY A 66 -10.80 -15.87 -1.39
N ASP A 67 -11.94 -15.86 -2.06
CA ASP A 67 -12.04 -16.49 -3.35
C ASP A 67 -11.06 -15.87 -4.35
N LEU A 68 -11.05 -14.55 -4.39
CA LEU A 68 -10.20 -13.85 -5.36
C LEU A 68 -8.71 -14.06 -5.04
N GLY A 69 -8.39 -14.20 -3.76
CA GLY A 69 -7.02 -14.52 -3.35
C GLY A 69 -6.57 -15.84 -3.96
N LYS A 70 -7.45 -16.84 -3.95
CA LYS A 70 -7.15 -18.13 -4.58
C LYS A 70 -7.01 -18.04 -6.09
N ASP A 71 -7.90 -17.26 -6.70
CA ASP A 71 -7.78 -16.97 -8.13
C ASP A 71 -6.42 -16.33 -8.43
N LEU A 72 -5.95 -15.41 -7.57
CA LEU A 72 -4.66 -14.79 -7.83
C LEU A 72 -3.49 -15.78 -7.69
N THR A 73 -3.59 -16.73 -6.77
CA THR A 73 -2.57 -17.77 -6.72
C THR A 73 -2.53 -18.57 -8.02
N GLN A 74 -3.71 -18.87 -8.56
CA GLN A 74 -3.79 -19.58 -9.82
C GLN A 74 -3.26 -18.69 -10.97
N ALA A 75 -3.57 -17.40 -10.95
CA ALA A 75 -3.05 -16.53 -11.99
C ALA A 75 -1.52 -16.37 -11.89
N TRP A 76 -1.01 -16.37 -10.66
CA TRP A 76 0.45 -16.28 -10.50
C TRP A 76 1.09 -17.57 -11.07
N ALA A 77 0.43 -18.70 -10.89
CA ALA A 77 0.90 -19.95 -11.51
C ALA A 77 0.92 -19.79 -13.05
N VAL A 78 -0.11 -19.14 -13.62
CA VAL A 78 -0.14 -18.90 -15.07
C VAL A 78 1.04 -18.00 -15.44
N ALA A 79 1.26 -16.95 -14.64
CA ALA A 79 2.37 -16.04 -14.91
C ALA A 79 3.72 -16.78 -14.90
N MET A 80 3.90 -17.67 -13.92
CA MET A 80 5.14 -18.45 -13.85
C MET A 80 5.25 -19.40 -15.04
N ALA A 81 4.16 -20.06 -15.38
CA ALA A 81 4.17 -21.07 -16.47
C ALA A 81 4.47 -20.39 -17.81
N LEU A 82 3.93 -19.20 -18.01
CA LEU A 82 4.13 -18.47 -19.25
C LEU A 82 5.38 -17.59 -19.22
N GLY A 83 5.97 -17.43 -18.04
CA GLY A 83 7.16 -16.60 -17.86
C GLY A 83 6.90 -15.11 -18.07
N VAL A 84 5.74 -14.63 -17.62
CA VAL A 84 5.38 -13.22 -17.80
C VAL A 84 5.24 -12.46 -16.47
N GLU A 85 5.92 -12.91 -15.43
CA GLU A 85 5.89 -12.26 -14.14
C GLU A 85 6.17 -10.78 -14.26
N ASP A 86 7.18 -10.43 -15.04
CA ASP A 86 7.61 -9.03 -15.17
C ASP A 86 6.64 -8.16 -15.97
N LYS A 87 5.66 -8.79 -16.61
CA LYS A 87 4.66 -8.08 -17.37
C LYS A 87 3.41 -7.82 -16.57
N VAL A 88 3.09 -8.72 -15.65
CA VAL A 88 1.81 -8.63 -14.95
C VAL A 88 1.88 -8.25 -13.47
N THR A 89 3.06 -8.24 -12.89
CA THR A 89 3.16 -7.96 -11.45
C THR A 89 2.64 -6.54 -11.13
N VAL A 90 3.12 -5.54 -11.86
CA VAL A 90 2.62 -4.16 -11.59
C VAL A 90 1.09 -4.02 -11.81
N PRO A 91 0.56 -4.43 -12.98
CA PRO A 91 -0.89 -4.21 -13.15
C PRO A 91 -1.75 -5.06 -12.23
N LEU A 92 -1.29 -6.21 -11.79
CA LEU A 92 -2.07 -6.95 -10.78
C LEU A 92 -2.05 -6.22 -9.44
N PHE A 93 -0.88 -5.79 -8.99
CA PHE A 93 -0.87 -5.01 -7.75
C PHE A 93 -1.72 -3.76 -7.85
N GLU A 94 -1.59 -3.04 -8.96
CA GLU A 94 -2.34 -1.79 -9.08
C GLU A 94 -3.82 -2.07 -9.27
N GLY A 95 -4.15 -3.14 -9.98
CA GLY A 95 -5.53 -3.52 -10.17
C GLY A 95 -6.21 -3.86 -8.85
N VAL A 96 -5.50 -4.57 -7.97
CA VAL A 96 -6.12 -4.93 -6.70
C VAL A 96 -6.16 -3.79 -5.71
N GLN A 97 -5.06 -3.02 -5.62
CA GLN A 97 -4.93 -2.10 -4.49
C GLN A 97 -5.00 -0.64 -4.87
N LYS A 98 -4.62 -0.29 -6.09
CA LYS A 98 -4.64 1.13 -6.44
C LYS A 98 -5.96 1.53 -7.10
N THR A 99 -6.27 0.88 -8.21
CA THR A 99 -7.54 1.21 -8.90
C THR A 99 -8.71 0.40 -8.39
N GLN A 100 -8.43 -0.71 -7.70
CA GLN A 100 -9.45 -1.64 -7.22
C GLN A 100 -10.41 -2.02 -8.36
N THR A 101 -9.83 -2.28 -9.52
CA THR A 101 -10.58 -2.74 -10.67
C THR A 101 -10.56 -4.26 -10.84
N ILE A 102 -9.82 -4.95 -10.00
CA ILE A 102 -9.79 -6.43 -10.05
C ILE A 102 -10.71 -6.98 -8.99
N ARG A 103 -11.86 -7.48 -9.43
CA ARG A 103 -12.88 -8.00 -8.53
C ARG A 103 -13.30 -9.43 -8.85
N SER A 104 -12.80 -9.95 -9.96
CA SER A 104 -13.24 -11.28 -10.40
C SER A 104 -12.11 -11.91 -11.17
N ALA A 105 -12.22 -13.22 -11.40
CA ALA A 105 -11.25 -13.95 -12.22
C ALA A 105 -11.18 -13.34 -13.60
N SER A 106 -12.32 -12.89 -14.14
CA SER A 106 -12.30 -12.24 -15.47
C SER A 106 -11.45 -10.97 -15.44
N ASP A 107 -11.58 -10.19 -14.37
CA ASP A 107 -10.78 -8.95 -14.27
C ASP A 107 -9.27 -9.27 -14.22
N ILE A 108 -8.90 -10.37 -13.55
CA ILE A 108 -7.51 -10.80 -13.54
C ILE A 108 -7.04 -11.11 -14.95
N ARG A 109 -7.85 -11.89 -15.68
CA ARG A 109 -7.55 -12.24 -17.05
C ARG A 109 -7.35 -11.01 -17.94
N ASP A 110 -8.23 -10.01 -17.77
CA ASP A 110 -8.08 -8.75 -18.54
C ASP A 110 -6.66 -8.16 -18.42
N VAL A 111 -6.09 -8.25 -17.22
CA VAL A 111 -4.74 -7.72 -17.01
C VAL A 111 -3.73 -8.45 -17.89
N PHE A 112 -3.84 -9.78 -17.96
CA PHE A 112 -2.97 -10.53 -18.88
C PHE A 112 -3.20 -10.19 -20.38
N ILE A 113 -4.47 -10.15 -20.79
CA ILE A 113 -4.83 -9.74 -22.17
C ILE A 113 -4.22 -8.38 -22.49
N ASN A 114 -4.40 -7.42 -21.60
CA ASN A 114 -3.87 -6.05 -21.84
C ASN A 114 -2.34 -6.06 -21.93
N ALA A 115 -1.71 -6.93 -21.15
CA ALA A 115 -0.26 -7.09 -21.19
C ALA A 115 0.24 -7.92 -22.39
N GLY A 116 -0.68 -8.40 -23.23
CA GLY A 116 -0.31 -8.98 -24.50
C GLY A 116 -0.30 -10.51 -24.56
N ILE A 117 -0.71 -11.16 -23.48
CA ILE A 117 -0.87 -12.61 -23.48
C ILE A 117 -2.16 -12.89 -24.24
N LYS A 118 -2.11 -13.76 -25.25
N LYS A 118 -2.10 -13.75 -25.26
CA LYS A 118 -3.30 -14.02 -26.04
CA LYS A 118 -3.29 -14.03 -26.05
C LYS A 118 -4.34 -14.73 -25.20
C LYS A 118 -4.33 -14.73 -25.20
N GLY A 119 -5.60 -14.46 -25.50
CA GLY A 119 -6.69 -15.05 -24.74
C GLY A 119 -6.67 -16.55 -24.72
N GLU A 120 -6.44 -17.17 -25.88
CA GLU A 120 -6.38 -18.64 -25.96
C GLU A 120 -5.21 -19.20 -25.12
N GLU A 121 -4.10 -18.47 -25.13
CA GLU A 121 -2.90 -18.85 -24.40
C GLU A 121 -3.14 -18.79 -22.89
N TYR A 122 -3.80 -17.72 -22.45
CA TYR A 122 -4.12 -17.56 -21.05
C TYR A 122 -5.06 -18.66 -20.61
N ASP A 123 -6.12 -18.89 -21.38
CA ASP A 123 -7.15 -19.84 -20.97
C ASP A 123 -6.61 -21.25 -20.94
N ALA A 124 -5.78 -21.60 -21.94
CA ALA A 124 -5.17 -22.95 -21.96
C ALA A 124 -4.28 -23.14 -20.71
N ALA A 125 -3.49 -22.11 -20.37
CA ALA A 125 -2.63 -22.18 -19.20
C ALA A 125 -3.49 -22.28 -17.94
N TRP A 126 -4.49 -21.39 -17.84
CA TRP A 126 -5.38 -21.36 -16.67
C TRP A 126 -5.96 -22.72 -16.37
N ASN A 127 -6.35 -23.43 -17.42
CA ASN A 127 -7.02 -24.72 -17.25
C ASN A 127 -6.09 -25.92 -17.23
N SER A 128 -4.79 -25.66 -17.27
CA SER A 128 -3.83 -26.76 -17.50
C SER A 128 -3.48 -27.44 -16.21
N PHE A 129 -3.05 -28.70 -16.30
CA PHE A 129 -2.57 -29.39 -15.11
C PHE A 129 -1.17 -28.95 -14.73
N VAL A 130 -0.40 -28.43 -15.69
CA VAL A 130 0.89 -27.82 -15.34
C VAL A 130 0.64 -26.67 -14.35
N VAL A 131 -0.39 -25.87 -14.62
CA VAL A 131 -0.72 -24.77 -13.69
C VAL A 131 -1.30 -25.31 -12.36
N LYS A 132 -2.16 -26.34 -12.42
CA LYS A 132 -2.60 -26.98 -11.15
C LYS A 132 -1.39 -27.44 -10.31
N SER A 133 -0.36 -27.96 -10.98
CA SER A 133 0.81 -28.43 -10.26
C SER A 133 1.59 -27.28 -9.65
N LEU A 134 1.67 -26.17 -10.38
CA LEU A 134 2.35 -24.98 -9.89
C LEU A 134 1.58 -24.36 -8.73
N VAL A 135 0.26 -24.45 -8.77
CA VAL A 135 -0.54 -24.00 -7.63
C VAL A 135 -0.24 -24.87 -6.42
N ALA A 136 -0.18 -26.20 -6.63
CA ALA A 136 0.14 -27.08 -5.54
C ALA A 136 1.53 -26.78 -4.98
N GLN A 137 2.48 -26.47 -5.85
CA GLN A 137 3.85 -26.17 -5.37
C GLN A 137 3.87 -24.92 -4.49
N GLN A 138 3.10 -23.91 -4.90
CA GLN A 138 2.97 -22.68 -4.08
C GLN A 138 2.36 -22.99 -2.73
N GLU A 139 1.30 -23.78 -2.73
CA GLU A 139 0.64 -24.10 -1.46
C GLU A 139 1.56 -24.92 -0.54
N LYS A 140 2.28 -25.87 -1.13
CA LYS A 140 3.13 -26.77 -0.36
C LYS A 140 4.26 -26.00 0.32
N ALA A 141 4.88 -25.12 -0.45
CA ALA A 141 5.99 -24.34 0.12
C ALA A 141 5.53 -23.49 1.31
N ALA A 142 4.33 -22.91 1.20
CA ALA A 142 3.82 -22.05 2.26
C ALA A 142 3.45 -22.92 3.47
N ALA A 143 2.84 -24.07 3.20
CA ALA A 143 2.49 -25.01 4.26
C ALA A 143 3.73 -25.52 5.03
N ASP A 144 4.81 -25.77 4.29
CA ASP A 144 6.07 -26.27 4.85
C ASP A 144 6.58 -25.37 6.00
N VAL A 145 6.32 -24.06 5.91
CA VAL A 145 6.80 -23.12 6.92
C VAL A 145 5.67 -22.56 7.78
N GLN A 146 4.51 -23.21 7.71
CA GLN A 146 3.32 -22.80 8.45
C GLN A 146 3.03 -21.29 8.27
N LEU A 147 3.10 -20.83 7.02
CA LEU A 147 3.04 -19.41 6.72
C LEU A 147 1.70 -18.75 7.03
N ARG A 148 1.73 -17.70 7.85
CA ARG A 148 0.49 -16.99 8.19
C ARG A 148 0.59 -15.47 8.02
N GLY A 149 1.73 -14.99 7.52
CA GLY A 149 1.84 -13.58 7.18
C GLY A 149 2.73 -13.35 5.98
N VAL A 150 2.42 -12.29 5.23
CA VAL A 150 3.27 -11.85 4.12
C VAL A 150 3.47 -10.35 4.30
N PRO A 151 4.50 -9.78 3.66
CA PRO A 151 5.52 -10.44 2.87
C PRO A 151 6.39 -11.30 3.77
N ALA A 152 7.02 -12.31 3.19
CA ALA A 152 7.93 -13.17 3.96
C ALA A 152 9.00 -13.66 3.01
N MET A 153 10.21 -13.84 3.53
CA MET A 153 11.26 -14.43 2.72
C MET A 153 12.08 -15.41 3.57
N PHE A 154 12.36 -16.58 2.99
CA PHE A 154 13.05 -17.66 3.67
C PHE A 154 14.31 -17.99 2.89
N VAL A 155 15.35 -18.40 3.61
CA VAL A 155 16.60 -18.77 2.95
C VAL A 155 16.98 -20.21 3.33
N ASN A 156 17.11 -21.06 2.31
CA ASN A 156 17.47 -22.48 2.47
C ASN A 156 16.63 -23.29 3.45
N GLY A 157 15.35 -22.95 3.54
CA GLY A 157 14.49 -23.62 4.48
C GLY A 157 14.88 -23.42 5.92
N LYS A 158 15.80 -22.51 6.19
CA LYS A 158 16.33 -22.44 7.55
C LYS A 158 16.09 -21.12 8.25
N TYR A 159 16.17 -20.04 7.49
CA TYR A 159 16.14 -18.70 8.05
C TYR A 159 15.03 -17.88 7.45
N GLN A 160 14.43 -17.06 8.30
CA GLN A 160 13.32 -16.21 7.89
C GLN A 160 13.78 -14.77 8.10
N LEU A 161 13.64 -13.93 7.07
CA LEU A 161 13.99 -12.51 7.17
C LEU A 161 13.14 -11.81 8.22
N ASN A 162 13.76 -10.91 8.96
CA ASN A 162 13.05 -10.13 9.97
C ASN A 162 13.24 -8.63 9.72
N PRO A 163 12.47 -8.06 8.79
CA PRO A 163 12.62 -6.65 8.41
C PRO A 163 12.25 -5.69 9.54
N GLN A 164 11.53 -6.17 10.54
CA GLN A 164 11.12 -5.28 11.62
C GLN A 164 12.34 -4.92 12.47
N GLY A 165 13.39 -5.72 12.34
CA GLY A 165 14.68 -5.38 12.93
C GLY A 165 15.54 -4.53 11.99
N MET A 166 14.95 -3.56 11.29
CA MET A 166 15.68 -2.69 10.37
C MET A 166 15.12 -1.24 10.33
N ASP A 167 16.02 -0.25 10.25
CA ASP A 167 15.65 1.18 10.23
C ASP A 167 14.87 1.51 8.96
N THR A 168 13.73 2.17 9.12
CA THR A 168 12.89 2.50 7.97
C THR A 168 12.81 4.03 7.76
N SER A 169 13.88 4.74 8.08
N SER A 169 13.88 4.73 8.10
CA SER A 169 13.92 6.18 7.87
CA SER A 169 13.95 6.17 7.89
C SER A 169 14.33 6.50 6.44
C SER A 169 14.31 6.47 6.45
N ASN A 170 15.09 5.58 5.85
CA ASN A 170 15.56 5.75 4.48
C ASN A 170 15.23 4.46 3.71
N MET A 171 14.39 4.57 2.67
CA MET A 171 13.95 3.42 1.88
C MET A 171 15.13 2.67 1.25
N ASP A 172 16.08 3.43 0.70
CA ASP A 172 17.16 2.82 -0.05
C ASP A 172 18.07 1.97 0.87
N VAL A 173 18.36 2.54 2.05
CA VAL A 173 19.22 1.89 3.04
C VAL A 173 18.55 0.62 3.54
N PHE A 174 17.25 0.67 3.80
CA PHE A 174 16.51 -0.49 4.25
C PHE A 174 16.58 -1.63 3.23
N VAL A 175 16.38 -1.29 1.97
CA VAL A 175 16.39 -2.30 0.91
C VAL A 175 17.76 -2.97 0.83
N GLN A 176 18.85 -2.21 0.93
N GLN A 176 18.80 -2.14 0.94
CA GLN A 176 20.14 -2.88 0.75
CA GLN A 176 20.21 -2.54 0.86
C GLN A 176 20.52 -3.61 2.03
C GLN A 176 20.52 -3.51 2.00
N GLN A 177 20.07 -3.13 3.19
CA GLN A 177 20.24 -3.96 4.38
C GLN A 177 19.51 -5.31 4.26
N TYR A 178 18.29 -5.29 3.76
CA TYR A 178 17.55 -6.52 3.55
C TYR A 178 18.28 -7.43 2.56
N ALA A 179 18.72 -6.83 1.45
CA ALA A 179 19.39 -7.59 0.42
C ALA A 179 20.70 -8.16 0.94
N ASP A 180 21.43 -7.38 1.74
CA ASP A 180 22.74 -7.87 2.25
C ASP A 180 22.54 -8.98 3.27
N THR A 181 21.40 -8.92 3.97
CA THR A 181 21.09 -9.96 4.93
C THR A 181 20.75 -11.28 4.20
N VAL A 182 20.00 -11.19 3.09
CA VAL A 182 19.71 -12.39 2.29
C VAL A 182 21.01 -12.99 1.75
N LYS A 183 21.93 -12.13 1.30
CA LYS A 183 23.21 -12.60 0.78
C LYS A 183 24.00 -13.30 1.91
N TYR A 184 24.10 -12.65 3.06
CA TYR A 184 24.77 -13.24 4.23
C TYR A 184 24.16 -14.60 4.58
N LEU A 185 22.84 -14.66 4.67
CA LEU A 185 22.17 -15.91 4.99
C LEU A 185 22.44 -16.97 3.92
N SER A 186 22.48 -16.59 2.65
CA SER A 186 22.64 -17.61 1.63
C SER A 186 24.04 -18.20 1.66
N GLU A 187 24.99 -17.41 2.19
CA GLU A 187 26.39 -17.83 2.31
C GLU A 187 26.68 -18.61 3.58
N LYS A 188 25.72 -18.74 4.50
CA LYS A 188 25.93 -19.53 5.72
C LYS A 188 26.12 -20.99 5.37
N ALA B 1 -35.14 2.40 2.29
CA ALA B 1 -34.55 3.71 2.09
C ALA B 1 -33.33 3.59 1.18
N GLN B 2 -33.05 4.66 0.46
CA GLN B 2 -31.83 4.70 -0.36
C GLN B 2 -30.54 4.51 0.44
N TYR B 3 -30.33 5.36 1.44
CA TYR B 3 -29.13 5.25 2.29
C TYR B 3 -29.35 4.27 3.45
N GLU B 4 -28.43 3.34 3.62
CA GLU B 4 -28.60 2.30 4.63
C GLU B 4 -27.28 2.11 5.38
N ASP B 5 -27.36 2.12 6.72
CA ASP B 5 -26.21 1.79 7.54
C ASP B 5 -25.64 0.44 7.08
N GLY B 6 -24.35 0.41 6.75
CA GLY B 6 -23.70 -0.82 6.33
C GLY B 6 -23.59 -0.91 4.81
N LYS B 7 -24.33 -0.06 4.11
CA LYS B 7 -24.21 0.00 2.66
C LYS B 7 -23.28 1.17 2.28
N GLN B 8 -23.81 2.39 2.17
CA GLN B 8 -22.94 3.52 1.78
C GLN B 8 -22.05 4.03 2.90
N TYR B 9 -22.40 3.68 4.14
CA TYR B 9 -21.65 4.16 5.30
C TYR B 9 -21.83 3.22 6.47
N THR B 10 -20.97 3.40 7.46
CA THR B 10 -21.11 2.70 8.73
C THR B 10 -21.14 3.73 9.87
N THR B 11 -21.49 3.28 11.07
CA THR B 11 -21.70 4.20 12.19
C THR B 11 -20.72 3.93 13.32
N LEU B 12 -20.02 4.97 13.76
CA LEU B 12 -19.04 4.83 14.83
C LEU B 12 -19.70 4.36 16.10
N GLU B 13 -19.13 3.31 16.67
CA GLU B 13 -19.58 2.77 17.95
C GLU B 13 -19.41 3.78 19.07
N LYS B 14 -18.34 4.57 18.99
CA LYS B 14 -17.97 5.52 20.04
C LYS B 14 -17.75 6.90 19.44
N PRO B 15 -18.84 7.65 19.23
CA PRO B 15 -18.77 8.94 18.54
C PRO B 15 -17.71 9.87 19.15
N VAL B 16 -17.01 10.61 18.29
CA VAL B 16 -15.94 11.50 18.72
C VAL B 16 -16.47 12.93 18.84
N ALA B 17 -16.36 13.50 20.04
CA ALA B 17 -16.84 14.85 20.28
C ALA B 17 -15.83 15.88 19.80
N GLY B 18 -16.31 16.93 19.17
CA GLY B 18 -15.44 18.00 18.70
C GLY B 18 -14.60 17.63 17.48
N ALA B 19 -15.04 16.61 16.76
CA ALA B 19 -14.35 16.19 15.55
C ALA B 19 -14.64 17.17 14.42
N PRO B 20 -13.74 17.27 13.43
CA PRO B 20 -14.05 18.08 12.25
C PRO B 20 -15.34 17.59 11.59
N GLN B 21 -16.06 18.48 10.91
CA GLN B 21 -17.32 18.14 10.23
C GLN B 21 -17.13 17.08 9.15
N VAL B 22 -16.08 17.23 8.37
CA VAL B 22 -15.74 16.26 7.34
C VAL B 22 -14.25 16.06 7.40
N LEU B 23 -13.83 14.86 7.77
CA LEU B 23 -12.42 14.62 8.02
C LEU B 23 -11.93 13.44 7.19
N GLU B 24 -10.98 13.73 6.30
CA GLU B 24 -10.42 12.72 5.42
C GLU B 24 -9.03 12.38 5.93
N PHE B 25 -8.71 11.08 5.94
CA PHE B 25 -7.35 10.62 6.23
C PHE B 25 -6.70 10.01 5.00
N PHE B 26 -5.39 10.23 4.85
CA PHE B 26 -4.69 9.61 3.72
C PHE B 26 -3.23 9.38 4.06
N SER B 27 -2.53 8.72 3.16
CA SER B 27 -1.07 8.66 3.21
C SER B 27 -0.49 8.87 1.81
N PHE B 28 0.68 9.50 1.72
CA PHE B 28 1.36 9.57 0.42
C PHE B 28 1.91 8.21 -0.05
N PHE B 29 1.99 7.23 0.86
CA PHE B 29 2.32 5.86 0.49
C PHE B 29 1.14 5.01 0.03
N CYS B 30 -0.06 5.55 0.18
CA CYS B 30 -1.29 4.77 0.00
C CYS B 30 -1.74 4.83 -1.47
N PRO B 31 -1.67 3.70 -2.19
CA PRO B 31 -1.98 3.78 -3.64
C PRO B 31 -3.45 4.10 -3.95
N HIS B 32 -4.36 3.61 -3.13
CA HIS B 32 -5.77 3.91 -3.37
C HIS B 32 -6.04 5.38 -3.03
N CYS B 33 -5.22 5.94 -2.14
CA CYS B 33 -5.35 7.35 -1.79
C CYS B 33 -4.94 8.20 -3.00
N TYR B 34 -3.88 7.78 -3.65
CA TYR B 34 -3.40 8.44 -4.85
C TYR B 34 -4.50 8.41 -5.91
N GLN B 35 -5.10 7.24 -6.05
CA GLN B 35 -6.22 7.07 -6.94
C GLN B 35 -7.39 8.04 -6.60
N PHE B 36 -7.77 8.04 -5.32
CA PHE B 36 -8.88 8.90 -4.84
C PHE B 36 -8.63 10.37 -5.23
N GLU B 37 -7.41 10.81 -4.99
CA GLU B 37 -7.16 12.24 -5.09
C GLU B 37 -6.94 12.65 -6.55
N GLU B 38 -6.13 11.88 -7.24
CA GLU B 38 -5.63 12.36 -8.52
C GLU B 38 -6.34 11.81 -9.74
N VAL B 39 -7.09 10.71 -9.58
CA VAL B 39 -7.85 10.16 -10.69
C VAL B 39 -9.34 10.33 -10.48
N LEU B 40 -9.84 9.97 -9.30
CA LEU B 40 -11.29 10.11 -9.02
C LEU B 40 -11.72 11.51 -8.60
N HIS B 41 -10.77 12.30 -8.12
CA HIS B 41 -11.04 13.61 -7.48
C HIS B 41 -12.07 13.49 -6.37
N ILE B 42 -11.95 12.51 -5.49
CA ILE B 42 -12.99 12.35 -4.45
C ILE B 42 -13.19 13.64 -3.62
N SER B 43 -12.10 14.20 -3.10
CA SER B 43 -12.20 15.40 -2.26
C SER B 43 -12.92 16.54 -2.96
N ASP B 44 -12.58 16.77 -4.22
CA ASP B 44 -13.23 17.83 -5.01
C ASP B 44 -14.70 17.60 -5.17
N ASN B 45 -15.05 16.36 -5.47
CA ASN B 45 -16.46 16.09 -5.75
C ASN B 45 -17.26 16.18 -4.46
N VAL B 46 -16.66 15.75 -3.35
CA VAL B 46 -17.29 15.92 -2.05
C VAL B 46 -17.48 17.43 -1.74
N LYS B 47 -16.43 18.21 -1.97
CA LYS B 47 -16.48 19.67 -1.79
CA LYS B 47 -16.53 19.65 -1.73
C LYS B 47 -17.63 20.33 -2.54
N LYS B 48 -17.74 19.99 -3.83
CA LYS B 48 -18.75 20.61 -4.70
C LYS B 48 -20.15 20.42 -4.14
N LYS B 49 -20.32 19.41 -3.30
CA LYS B 49 -21.64 19.09 -2.82
C LYS B 49 -21.88 19.37 -1.34
N LEU B 50 -20.86 19.85 -0.65
CA LEU B 50 -21.00 20.15 0.77
C LEU B 50 -21.94 21.33 0.99
N PRO B 51 -22.78 21.24 2.05
CA PRO B 51 -23.70 22.34 2.32
C PRO B 51 -22.93 23.54 2.84
N GLU B 52 -23.58 24.69 2.72
CA GLU B 52 -23.13 25.96 3.24
C GLU B 52 -22.45 25.82 4.61
N GLY B 53 -21.22 26.30 4.70
CA GLY B 53 -20.54 26.41 5.99
C GLY B 53 -20.00 25.09 6.52
N VAL B 54 -19.75 24.15 5.62
CA VAL B 54 -19.11 22.91 6.03
C VAL B 54 -17.70 22.88 5.45
N LYS B 55 -16.71 22.78 6.34
CA LYS B 55 -15.30 22.77 5.96
C LYS B 55 -14.77 21.36 5.88
N MET B 56 -13.86 21.13 4.94
CA MET B 56 -13.20 19.84 4.88
C MET B 56 -11.82 19.89 5.47
N THR B 57 -11.46 18.80 6.12
CA THR B 57 -10.21 18.70 6.82
C THR B 57 -9.56 17.43 6.32
N LYS B 58 -8.29 17.54 5.95
CA LYS B 58 -7.58 16.37 5.47
C LYS B 58 -6.29 16.19 6.26
N TYR B 59 -6.14 15.02 6.86
CA TYR B 59 -4.95 14.69 7.64
C TYR B 59 -4.17 13.51 7.06
N HIS B 60 -2.86 13.53 7.30
CA HIS B 60 -1.94 12.44 6.89
C HIS B 60 -1.79 11.45 8.05
N VAL B 61 -1.50 10.19 7.75
CA VAL B 61 -1.31 9.21 8.83
C VAL B 61 0.08 8.66 8.87
N ASN B 62 0.44 8.12 10.04
CA ASN B 62 1.80 7.66 10.32
C ASN B 62 2.07 6.23 9.88
N PHE B 63 1.01 5.43 9.78
CA PHE B 63 1.20 3.99 9.84
C PHE B 63 1.50 3.30 8.51
N MET B 64 1.68 4.06 7.44
CA MET B 64 2.26 3.50 6.23
C MET B 64 3.63 4.11 5.96
N GLY B 65 4.50 3.30 5.38
CA GLY B 65 5.79 3.75 4.90
C GLY B 65 6.88 3.81 5.97
N GLY B 66 6.73 3.07 7.06
CA GLY B 66 7.72 3.07 8.12
C GLY B 66 7.95 4.45 8.73
N ASP B 67 9.20 4.76 9.09
CA ASP B 67 9.52 6.07 9.70
C ASP B 67 9.38 7.26 8.76
N LEU B 68 9.56 6.99 7.48
CA LEU B 68 9.39 8.04 6.48
C LEU B 68 7.92 8.48 6.47
N GLY B 69 7.03 7.55 6.83
CA GLY B 69 5.63 7.86 7.02
C GLY B 69 5.39 8.99 8.00
N LYS B 70 6.08 8.93 9.14
CA LYS B 70 5.99 9.95 10.18
C LYS B 70 6.45 11.29 9.64
N ASP B 71 7.53 11.26 8.87
CA ASP B 71 8.10 12.49 8.29
C ASP B 71 7.12 13.13 7.32
N LEU B 72 6.37 12.30 6.59
CA LEU B 72 5.42 12.81 5.65
C LEU B 72 4.22 13.43 6.36
N THR B 73 3.86 12.89 7.52
CA THR B 73 2.82 13.52 8.34
C THR B 73 3.27 14.92 8.81
N GLN B 74 4.54 15.02 9.18
CA GLN B 74 5.07 16.34 9.53
C GLN B 74 5.16 17.29 8.32
N ALA B 75 5.55 16.76 7.16
CA ALA B 75 5.59 17.56 5.94
C ALA B 75 4.19 18.04 5.55
N TRP B 76 3.20 17.16 5.75
CA TRP B 76 1.83 17.53 5.46
C TRP B 76 1.38 18.65 6.40
N ALA B 77 1.80 18.58 7.67
CA ALA B 77 1.57 19.70 8.62
C ALA B 77 2.25 21.00 8.11
N VAL B 78 3.45 20.87 7.56
CA VAL B 78 4.11 22.04 6.97
C VAL B 78 3.28 22.58 5.78
N ALA B 79 2.78 21.66 4.97
CA ALA B 79 1.96 22.04 3.82
C ALA B 79 0.71 22.79 4.30
N MET B 80 0.10 22.30 5.39
CA MET B 80 -1.12 22.97 5.86
C MET B 80 -0.76 24.34 6.44
N ALA B 81 0.36 24.40 7.14
CA ALA B 81 0.80 25.62 7.79
C ALA B 81 1.15 26.71 6.78
N LEU B 82 1.77 26.31 5.68
CA LEU B 82 2.18 27.26 4.63
C LEU B 82 1.07 27.51 3.62
N GLY B 83 0.01 26.69 3.66
CA GLY B 83 -1.07 26.81 2.70
C GLY B 83 -0.64 26.49 1.28
N VAL B 84 0.12 25.39 1.13
CA VAL B 84 0.63 25.00 -0.19
C VAL B 84 0.22 23.57 -0.51
N GLU B 85 -0.86 23.12 0.12
CA GLU B 85 -1.40 21.77 -0.19
C GLU B 85 -1.61 21.57 -1.69
N ASP B 86 -2.15 22.60 -2.37
CA ASP B 86 -2.41 22.41 -3.79
C ASP B 86 -1.19 22.70 -4.67
N LYS B 87 -0.01 22.80 -4.07
CA LYS B 87 1.19 22.88 -4.89
C LYS B 87 2.05 21.62 -4.67
N VAL B 88 1.96 21.04 -3.48
CA VAL B 88 2.89 19.94 -3.19
C VAL B 88 2.26 18.56 -3.20
N THR B 89 0.94 18.46 -3.25
CA THR B 89 0.29 17.14 -3.20
C THR B 89 0.75 16.26 -4.38
N VAL B 90 0.86 16.82 -5.58
CA VAL B 90 1.25 15.98 -6.72
C VAL B 90 2.72 15.59 -6.66
N PRO B 91 3.61 16.56 -6.41
CA PRO B 91 4.97 16.05 -6.35
C PRO B 91 5.18 15.07 -5.17
N LEU B 92 4.43 15.20 -4.06
CA LEU B 92 4.62 14.24 -2.95
C LEU B 92 4.11 12.85 -3.34
N PHE B 93 2.91 12.78 -3.93
CA PHE B 93 2.41 11.46 -4.37
C PHE B 93 3.32 10.89 -5.43
N GLU B 94 3.71 11.73 -6.39
CA GLU B 94 4.53 11.19 -7.48
C GLU B 94 5.92 10.84 -6.99
N GLY B 95 6.47 11.66 -6.10
CA GLY B 95 7.81 11.39 -5.57
C GLY B 95 7.88 10.11 -4.80
N VAL B 96 6.83 9.82 -4.04
CA VAL B 96 6.81 8.57 -3.28
C VAL B 96 6.50 7.37 -4.17
N GLN B 97 5.47 7.46 -5.00
CA GLN B 97 4.93 6.28 -5.67
C GLN B 97 5.31 6.13 -7.15
N LYS B 98 5.52 7.24 -7.86
CA LYS B 98 5.69 7.18 -9.31
C LYS B 98 7.16 7.29 -9.70
N THR B 99 7.74 8.48 -9.54
CA THR B 99 9.16 8.67 -9.83
C THR B 99 10.09 8.06 -8.76
N GLN B 100 9.55 7.86 -7.56
CA GLN B 100 10.30 7.24 -6.46
C GLN B 100 11.63 7.95 -6.16
N THR B 101 11.53 9.26 -6.16
CA THR B 101 12.65 10.14 -5.83
C THR B 101 12.56 10.62 -4.37
N ILE B 102 11.48 10.23 -3.66
CA ILE B 102 11.35 10.52 -2.24
C ILE B 102 11.64 9.28 -1.42
N ARG B 103 12.82 9.25 -0.80
CA ARG B 103 13.30 8.06 -0.14
C ARG B 103 13.72 8.36 1.28
N SER B 104 13.76 9.64 1.62
CA SER B 104 14.16 10.10 2.96
C SER B 104 13.61 11.49 3.22
N ALA B 105 13.72 11.96 4.47
CA ALA B 105 13.20 13.30 4.82
C ALA B 105 13.77 14.43 3.95
N SER B 106 15.06 14.37 3.61
CA SER B 106 15.66 15.45 2.82
CA SER B 106 15.66 15.45 2.83
C SER B 106 15.01 15.58 1.45
N ASP B 107 14.58 14.46 0.88
CA ASP B 107 13.94 14.50 -0.44
C ASP B 107 12.62 15.23 -0.33
N ILE B 108 11.95 15.11 0.82
CA ILE B 108 10.67 15.78 0.99
C ILE B 108 10.93 17.29 0.93
N ARG B 109 11.97 17.75 1.61
CA ARG B 109 12.30 19.18 1.60
C ARG B 109 12.54 19.69 0.19
N ASP B 110 13.23 18.88 -0.62
CA ASP B 110 13.47 19.25 -2.01
C ASP B 110 12.21 19.53 -2.77
N VAL B 111 11.16 18.74 -2.50
CA VAL B 111 9.90 18.96 -3.18
C VAL B 111 9.32 20.36 -2.88
N PHE B 112 9.38 20.75 -1.62
CA PHE B 112 8.88 22.09 -1.22
C PHE B 112 9.78 23.18 -1.81
N ILE B 113 11.11 23.01 -1.74
CA ILE B 113 12.03 24.00 -2.31
C ILE B 113 11.77 24.15 -3.80
N ASN B 114 11.59 23.03 -4.46
CA ASN B 114 11.34 23.08 -5.90
CA ASN B 114 11.32 23.02 -5.90
C ASN B 114 9.97 23.66 -6.25
N ALA B 115 9.02 23.61 -5.31
CA ALA B 115 7.73 24.27 -5.52
C ALA B 115 7.79 25.77 -5.17
N GLY B 116 8.98 26.27 -4.82
CA GLY B 116 9.12 27.72 -4.59
C GLY B 116 9.17 28.17 -3.14
N ILE B 117 9.12 27.23 -2.22
CA ILE B 117 9.26 27.54 -0.82
C ILE B 117 10.75 27.65 -0.49
N LYS B 118 11.14 28.73 0.14
CA LYS B 118 12.53 28.92 0.47
C LYS B 118 13.00 27.87 1.50
N GLY B 119 14.20 27.33 1.34
CA GLY B 119 14.70 26.30 2.25
C GLY B 119 14.64 26.71 3.73
N GLU B 120 15.07 27.93 4.06
CA GLU B 120 15.06 28.35 5.46
C GLU B 120 13.65 28.48 6.01
N GLU B 121 12.72 28.74 5.11
CA GLU B 121 11.32 28.87 5.46
C GLU B 121 10.68 27.50 5.66
N TYR B 122 10.99 26.56 4.78
CA TYR B 122 10.56 25.19 5.03
C TYR B 122 11.09 24.73 6.39
N ASP B 123 12.39 24.98 6.62
CA ASP B 123 13.02 24.57 7.87
C ASP B 123 12.37 25.22 9.09
N ALA B 124 12.09 26.52 9.00
CA ALA B 124 11.44 27.22 10.08
C ALA B 124 10.05 26.65 10.38
N ALA B 125 9.26 26.38 9.34
CA ALA B 125 7.97 25.77 9.54
C ALA B 125 8.12 24.37 10.13
N TRP B 126 9.02 23.58 9.56
CA TRP B 126 9.26 22.20 10.03
C TRP B 126 9.48 22.20 11.52
N ASN B 127 10.26 23.16 11.99
CA ASN B 127 10.61 23.24 13.40
C ASN B 127 9.67 24.11 14.25
N SER B 128 8.55 24.53 13.67
CA SER B 128 7.65 25.50 14.32
C SER B 128 6.68 24.88 15.32
N PHE B 129 6.18 25.72 16.22
CA PHE B 129 5.15 25.33 17.15
C PHE B 129 3.87 24.94 16.40
N VAL B 130 3.47 25.76 15.42
CA VAL B 130 2.26 25.47 14.64
C VAL B 130 2.32 24.04 14.07
N VAL B 131 3.49 23.65 13.58
CA VAL B 131 3.59 22.36 12.90
C VAL B 131 3.63 21.22 13.92
N LYS B 132 4.27 21.46 15.05
CA LYS B 132 4.31 20.44 16.10
C LYS B 132 2.88 20.18 16.60
N SER B 133 2.09 21.24 16.76
CA SER B 133 0.68 21.15 17.16
C SER B 133 -0.16 20.43 16.10
N LEU B 134 0.08 20.75 14.83
CA LEU B 134 -0.66 20.10 13.75
C LEU B 134 -0.34 18.60 13.67
N VAL B 135 0.92 18.24 13.94
CA VAL B 135 1.28 16.83 13.95
C VAL B 135 0.52 16.13 15.07
N ALA B 136 0.47 16.76 16.23
CA ALA B 136 -0.21 16.17 17.39
C ALA B 136 -1.69 16.01 17.11
N GLN B 137 -2.26 17.03 16.46
CA GLN B 137 -3.64 17.04 16.04
C GLN B 137 -3.99 15.90 15.06
N GLN B 138 -3.13 15.69 14.08
CA GLN B 138 -3.37 14.64 13.11
C GLN B 138 -3.35 13.26 13.76
N GLU B 139 -2.38 13.08 14.65
CA GLU B 139 -2.21 11.81 15.34
C GLU B 139 -3.38 11.53 16.28
N LYS B 140 -3.88 12.60 16.93
CA LYS B 140 -4.97 12.46 17.90
C LYS B 140 -6.29 12.17 17.21
N ALA B 141 -6.54 12.83 16.08
CA ALA B 141 -7.75 12.58 15.31
C ALA B 141 -7.81 11.12 14.85
N ALA B 142 -6.66 10.57 14.45
CA ALA B 142 -6.61 9.18 14.00
C ALA B 142 -6.85 8.20 15.16
N ALA B 143 -6.26 8.50 16.32
CA ALA B 143 -6.46 7.71 17.52
C ALA B 143 -7.91 7.72 17.97
N ASP B 144 -8.56 8.87 17.83
CA ASP B 144 -9.91 9.06 18.32
C ASP B 144 -10.89 8.15 17.58
N VAL B 145 -10.65 7.91 16.30
CA VAL B 145 -11.51 7.00 15.54
C VAL B 145 -10.90 5.60 15.42
N GLN B 146 -9.87 5.33 16.21
CA GLN B 146 -9.10 4.08 16.15
C GLN B 146 -8.84 3.69 14.70
N LEU B 147 -8.23 4.58 13.95
CA LEU B 147 -8.03 4.40 12.52
C LEU B 147 -7.08 3.25 12.19
N ARG B 148 -7.55 2.33 11.35
CA ARG B 148 -6.74 1.18 10.98
C ARG B 148 -6.27 1.18 9.53
N GLY B 149 -6.86 2.03 8.69
CA GLY B 149 -6.52 2.02 7.27
C GLY B 149 -6.91 3.34 6.58
N VAL B 150 -6.33 3.57 5.41
CA VAL B 150 -6.66 4.75 4.57
C VAL B 150 -6.84 4.24 3.14
N PRO B 151 -7.56 4.99 2.28
CA PRO B 151 -8.31 6.23 2.54
C PRO B 151 -9.45 5.99 3.51
N ALA B 152 -9.83 7.06 4.20
CA ALA B 152 -10.96 7.01 5.12
C ALA B 152 -11.54 8.40 5.22
N MET B 153 -12.84 8.48 5.45
CA MET B 153 -13.50 9.76 5.67
C MET B 153 -14.53 9.64 6.78
N PHE B 154 -14.58 10.65 7.64
CA PHE B 154 -15.54 10.65 8.73
C PHE B 154 -16.37 11.92 8.74
N VAL B 155 -17.68 11.76 8.96
CA VAL B 155 -18.56 12.93 9.04
C VAL B 155 -19.00 13.15 10.48
N ASN B 156 -18.69 14.33 11.00
CA ASN B 156 -19.15 14.75 12.33
C ASN B 156 -18.77 13.82 13.47
N GLY B 157 -17.62 13.16 13.34
CA GLY B 157 -17.16 12.21 14.33
C GLY B 157 -18.08 11.02 14.59
N LYS B 158 -19.03 10.78 13.68
CA LYS B 158 -20.10 9.83 13.98
C LYS B 158 -20.26 8.76 12.89
N TYR B 159 -20.00 9.14 11.64
CA TYR B 159 -20.16 8.23 10.51
C TYR B 159 -18.87 8.04 9.72
N GLN B 160 -18.65 6.82 9.25
CA GLN B 160 -17.52 6.49 8.39
C GLN B 160 -18.02 6.09 7.00
N LEU B 161 -17.46 6.74 5.98
CA LEU B 161 -17.80 6.38 4.60
C LEU B 161 -17.45 4.91 4.36
N ASN B 162 -18.28 4.23 3.58
CA ASN B 162 -18.05 2.84 3.22
C ASN B 162 -18.05 2.61 1.70
N PRO B 163 -16.99 3.02 1.00
CA PRO B 163 -17.04 2.90 -0.46
C PRO B 163 -17.18 1.46 -0.98
N GLN B 164 -16.85 0.49 -0.14
CA GLN B 164 -16.78 -0.87 -0.62
C GLN B 164 -18.22 -1.33 -0.76
N GLY B 165 -19.12 -0.59 -0.13
CA GLY B 165 -20.54 -0.93 -0.16
C GLY B 165 -21.32 -0.17 -1.20
N MET B 166 -20.60 0.68 -1.92
CA MET B 166 -21.18 1.46 -3.00
C MET B 166 -21.05 0.73 -4.31
N ASP B 167 -21.56 1.35 -5.36
CA ASP B 167 -21.64 0.75 -6.67
C ASP B 167 -20.35 1.05 -7.41
N THR B 168 -19.42 0.10 -7.39
CA THR B 168 -18.07 0.32 -7.91
C THR B 168 -17.91 -0.05 -9.38
N SER B 169 -19.02 -0.36 -10.04
CA SER B 169 -18.98 -0.76 -11.45
C SER B 169 -18.68 0.43 -12.33
N ASN B 170 -19.37 1.52 -12.04
CA ASN B 170 -19.28 2.78 -12.77
C ASN B 170 -18.60 3.82 -11.90
N MET B 171 -17.43 4.31 -12.30
CA MET B 171 -16.68 5.20 -11.39
C MET B 171 -17.35 6.56 -11.27
N ASP B 172 -17.90 7.06 -12.37
CA ASP B 172 -18.57 8.36 -12.33
C ASP B 172 -19.77 8.31 -11.39
N VAL B 173 -20.52 7.21 -11.44
CA VAL B 173 -21.66 7.05 -10.55
C VAL B 173 -21.17 6.81 -9.13
N PHE B 174 -20.07 6.08 -8.99
CA PHE B 174 -19.45 5.84 -7.69
C PHE B 174 -19.01 7.15 -7.03
N VAL B 175 -18.32 7.97 -7.79
CA VAL B 175 -17.83 9.22 -7.22
C VAL B 175 -18.99 10.10 -6.72
N GLN B 176 -20.09 10.15 -7.46
CA GLN B 176 -21.19 11.01 -6.99
C GLN B 176 -21.94 10.35 -5.84
N GLN B 177 -21.94 9.02 -5.82
CA GLN B 177 -22.57 8.30 -4.71
C GLN B 177 -21.80 8.61 -3.42
N TYR B 178 -20.49 8.60 -3.52
CA TYR B 178 -19.66 8.92 -2.38
C TYR B 178 -19.88 10.37 -1.91
N ALA B 179 -19.84 11.30 -2.85
CA ALA B 179 -20.08 12.70 -2.52
C ALA B 179 -21.51 12.94 -1.98
N ASP B 180 -22.51 12.27 -2.59
CA ASP B 180 -23.89 12.40 -2.14
C ASP B 180 -24.06 11.80 -0.75
N THR B 181 -23.29 10.77 -0.45
CA THR B 181 -23.36 10.12 0.87
C THR B 181 -22.80 11.11 1.91
N VAL B 182 -21.70 11.79 1.59
CA VAL B 182 -21.12 12.74 2.53
C VAL B 182 -22.13 13.85 2.76
N LYS B 183 -22.78 14.32 1.69
CA LYS B 183 -23.77 15.40 1.85
C LYS B 183 -24.95 14.92 2.69
N TYR B 184 -25.48 13.75 2.37
N TYR B 184 -25.46 13.74 2.40
CA TYR B 184 -26.55 13.17 3.17
CA TYR B 184 -26.58 13.18 3.15
C TYR B 184 -26.17 13.13 4.64
C TYR B 184 -26.22 13.02 4.64
N LEU B 185 -24.99 12.57 4.93
CA LEU B 185 -24.56 12.38 6.32
C LEU B 185 -24.32 13.68 7.05
N SER B 186 -23.85 14.69 6.31
CA SER B 186 -23.56 15.98 6.91
C SER B 186 -24.81 16.73 7.36
N GLU B 187 -25.94 16.48 6.70
CA GLU B 187 -27.17 17.17 7.07
C GLU B 187 -28.07 16.29 7.93
N LYS B 188 -27.51 15.18 8.42
CA LYS B 188 -28.17 14.38 9.44
C LYS B 188 -28.20 15.12 10.78
C10 5VB C . 6.90 1.04 2.93
C13 5VB C . 10.28 2.05 4.39
C15 5VB C . 12.62 2.37 4.74
C17 5VB C . 10.30 3.46 4.37
O01 5VB C . 8.80 -4.14 6.22
C02 5VB C . 8.59 -2.97 7.04
C03 5VB C . 9.14 -2.75 8.28
C04 5VB C . 8.64 -1.50 8.68
C05 5VB C . 7.82 -1.01 7.65
N06 5VB C . 7.82 -1.90 6.70
C07 5VB C . 7.09 -1.82 5.45
C08 5VB C . 7.49 -0.53 4.65
C09 5VB C . 6.62 -0.07 3.67
C11 5VB C . 8.11 1.73 3.17
C12 5VB C . 8.99 1.26 4.18
C14 5VB C . 11.54 1.43 4.58
S16 5VB C . 11.92 3.90 4.60
C18 5VB C . 8.73 0.17 4.90
CU CU D . -33.54 0.91 1.82
CU CU E . -33.78 -0.14 5.36
C1 GOL F . 5.21 30.66 1.27
O1 GOL F . 6.29 30.19 2.05
C2 GOL F . 3.88 30.07 1.73
O2 GOL F . 3.36 30.78 2.84
C3 GOL F . 2.87 30.06 0.58
O3 GOL F . 2.99 31.24 -0.18
#